data_8Z4R
#
_entry.id   8Z4R
#
_cell.length_a   120.177
_cell.length_b   120.177
_cell.length_c   92.919
_cell.angle_alpha   90.00
_cell.angle_beta   90.00
_cell.angle_gamma   120.00
#
_symmetry.space_group_name_H-M   'P 62'
#
loop_
_entity.id
_entity.type
_entity.pdbx_description
1 polymer 'Hydroquinone Dioxygenase PaD'
2 non-polymer 2-methoxy-6-methyl-benzene-1,4-diol
3 non-polymer 'FE (III) ION'
4 non-polymer DI(HYDROXYETHYL)ETHER
5 non-polymer 'ACETATE ION'
6 non-polymer 'FORMIC ACID'
7 water water
#
_entity_poly.entity_id   1
_entity_poly.type   'polypeptide(L)'
_entity_poly.pdbx_seq_one_letter_code
;MALELASTSEFRFDPERTPGLRHAKNLTDESTRELERVLEENHSNHHIFTTTEDHKGVYFHNHIAHHDITIWALGANPST
IRSQHDRNSLYQRQAMVIQDSVVKDMADPAVYKRCLGREENFLNYCRFFEDEINRIGYQAVLQKYLVDGSEIADDMLCRI
YMGYVHGIIHIGMALEFKQARLLAEGFAQAAVHHDWWYTEYLTQSEELARKQEEPALPLSDLIDLARQDDAIRNCSTLYY
HLQKRKVTGEMCLDLEPARDGVLKNAGPELRRVAARYRVDPNDLERATAELQNAAVYLTAGAQRPPHICAFDFFLLHSVT
SSIGHTMFLAEPSLSNAQKARLLEYTGRVFLLSYAGQGSPEPRLDWLASHPSRLPNQGWDEVFDRACYHEDDGHMC
(KCX)LIRCMAHAEETSRPYDHLPEFRVKQGLFLTAGIAAIDSGTDKPMDGTKHFDFIRGSGFKEAWERFPLRTGGLVNK
L
;
_entity_poly.pdbx_strand_id   A
#
# COMPACT_ATOMS: atom_id res chain seq x y z
N ALA A 2 17.28 -8.14 -15.24
CA ALA A 2 16.52 -9.38 -14.84
C ALA A 2 16.77 -9.64 -13.36
N LEU A 3 15.73 -9.65 -12.53
CA LEU A 3 15.86 -10.04 -11.09
C LEU A 3 16.11 -11.55 -11.00
N GLU A 4 16.93 -11.94 -10.04
CA GLU A 4 17.20 -13.37 -9.69
C GLU A 4 16.23 -13.74 -8.57
N LEU A 5 15.03 -14.26 -8.89
CA LEU A 5 13.98 -14.49 -7.85
C LEU A 5 14.27 -15.80 -7.13
N ALA A 6 14.16 -15.83 -5.80
CA ALA A 6 14.06 -17.09 -5.03
C ALA A 6 12.94 -17.96 -5.60
N SER A 7 12.99 -19.26 -5.29
CA SER A 7 12.09 -20.30 -5.84
C SER A 7 10.62 -19.99 -5.46
N THR A 8 9.71 -20.29 -6.38
CA THR A 8 8.25 -20.32 -6.12
C THR A 8 7.96 -21.22 -4.91
N SER A 9 8.78 -22.22 -4.59
CA SER A 9 8.38 -23.29 -3.62
C SER A 9 8.92 -22.98 -2.24
N GLU A 10 9.76 -21.96 -2.11
CA GLU A 10 10.35 -21.65 -0.80
C GLU A 10 10.70 -20.15 -0.67
N PHE A 11 10.63 -19.64 0.56
CA PHE A 11 11.14 -18.31 0.95
C PHE A 11 12.65 -18.46 1.23
N ARG A 12 13.51 -17.73 0.52
CA ARG A 12 14.99 -17.67 0.81
C ARG A 12 15.44 -16.20 0.68
N PHE A 13 15.76 -15.64 1.82
CA PHE A 13 16.26 -14.28 2.07
C PHE A 13 17.75 -14.40 2.37
N ASP A 14 18.46 -13.28 2.22
CA ASP A 14 19.91 -13.16 2.49
C ASP A 14 20.23 -11.70 2.77
N PRO A 15 20.90 -11.39 3.91
CA PRO A 15 21.17 -10.01 4.33
C PRO A 15 21.89 -9.19 3.25
N GLU A 16 22.60 -9.82 2.33
CA GLU A 16 23.35 -9.09 1.28
C GLU A 16 22.64 -9.23 -0.07
N ARG A 17 21.98 -10.35 -0.38
CA ARG A 17 21.37 -10.56 -1.72
C ARG A 17 19.94 -9.99 -1.78
N THR A 18 19.21 -9.91 -0.64
CA THR A 18 17.75 -9.53 -0.66
C THR A 18 17.40 -8.55 0.46
N PRO A 19 18.19 -7.52 0.77
CA PRO A 19 17.91 -6.64 1.91
C PRO A 19 16.87 -5.54 1.60
N GLY A 20 16.39 -5.50 0.37
CA GLY A 20 15.47 -4.48 -0.14
C GLY A 20 16.15 -3.13 -0.38
N LEU A 21 15.32 -2.12 -0.67
CA LEU A 21 15.74 -0.80 -1.20
C LEU A 21 16.20 0.10 -0.06
N ARG A 22 15.72 -0.16 1.15
CA ARG A 22 16.08 0.64 2.34
C ARG A 22 16.02 -0.26 3.55
N HIS A 23 17.05 -0.26 4.39
CA HIS A 23 17.17 -1.26 5.48
C HIS A 23 18.08 -0.80 6.60
N ALA A 24 18.11 -1.56 7.69
CA ALA A 24 19.04 -1.34 8.81
C ALA A 24 20.44 -1.75 8.35
N LYS A 25 21.44 -1.33 9.13
CA LYS A 25 22.89 -1.34 8.75
C LYS A 25 23.38 -2.78 8.64
N ASN A 26 23.23 -3.57 9.71
CA ASN A 26 23.79 -4.94 9.76
C ASN A 26 22.66 -5.94 10.07
N LEU A 27 22.17 -6.62 9.04
CA LEU A 27 21.17 -7.72 9.14
C LEU A 27 21.88 -9.06 9.40
N THR A 28 21.35 -9.84 10.33
CA THR A 28 21.94 -11.11 10.82
C THR A 28 21.36 -12.29 10.02
N ASP A 29 22.15 -13.34 9.90
CA ASP A 29 21.70 -14.63 9.34
CA ASP A 29 21.66 -14.61 9.32
C ASP A 29 20.58 -15.19 10.24
N GLU A 30 20.70 -15.00 11.56
CA GLU A 30 19.81 -15.61 12.59
C GLU A 30 18.39 -15.06 12.35
N SER A 31 18.27 -13.74 12.29
CA SER A 31 17.00 -13.03 11.90
C SER A 31 16.48 -13.51 10.57
N THR A 32 17.34 -13.73 9.56
CA THR A 32 16.91 -14.15 8.21
C THR A 32 16.28 -15.56 8.28
N ARG A 33 16.87 -16.46 9.04
CA ARG A 33 16.34 -17.85 9.12
C ARG A 33 14.95 -17.83 9.77
N GLU A 34 14.83 -17.11 10.88
CA GLU A 34 13.56 -16.93 11.62
C GLU A 34 12.50 -16.31 10.68
N LEU A 35 12.88 -15.34 9.85
CA LEU A 35 11.93 -14.71 8.92
C LEU A 35 11.43 -15.76 7.97
N GLU A 36 12.29 -16.61 7.41
CA GLU A 36 11.85 -17.61 6.41
C GLU A 36 10.86 -18.60 7.09
N ARG A 37 11.11 -18.95 8.33
CA ARG A 37 10.29 -19.88 9.20
C ARG A 37 8.85 -19.32 9.25
N VAL A 38 8.73 -18.07 9.74
CA VAL A 38 7.40 -17.41 10.01
C VAL A 38 6.68 -17.12 8.70
N LEU A 39 7.37 -16.79 7.61
CA LEU A 39 6.73 -16.54 6.32
C LEU A 39 6.10 -17.84 5.85
N GLU A 40 6.74 -18.99 6.04
CA GLU A 40 6.17 -20.23 5.47
C GLU A 40 4.98 -20.67 6.35
N GLU A 41 5.05 -20.46 7.65
CA GLU A 41 3.94 -20.72 8.60
C GLU A 41 2.74 -19.88 8.13
N ASN A 42 3.00 -18.64 7.79
CA ASN A 42 1.94 -17.70 7.38
C ASN A 42 1.33 -18.15 6.07
N HIS A 43 2.15 -18.50 5.09
CA HIS A 43 1.67 -18.91 3.77
C HIS A 43 0.75 -20.14 3.84
N SER A 44 1.18 -21.15 4.59
CA SER A 44 0.53 -22.47 4.66
CA SER A 44 0.54 -22.48 4.67
C SER A 44 -0.68 -22.47 5.62
N ASN A 45 -0.68 -21.62 6.64
CA ASN A 45 -1.64 -21.76 7.77
C ASN A 45 -2.69 -20.66 7.78
N HIS A 46 -2.41 -19.51 7.18
CA HIS A 46 -3.23 -18.29 7.35
C HIS A 46 -3.80 -17.85 6.00
N HIS A 47 -5.02 -17.36 6.04
CA HIS A 47 -5.69 -16.86 4.83
C HIS A 47 -5.23 -15.42 4.52
N ILE A 48 -5.46 -14.99 3.31
CA ILE A 48 -5.08 -13.60 2.88
C ILE A 48 -5.99 -12.55 3.52
N PHE A 49 -7.16 -12.95 3.99
CA PHE A 49 -8.12 -12.05 4.69
C PHE A 49 -8.30 -12.53 6.12
N THR A 50 -8.24 -11.61 7.06
CA THR A 50 -8.39 -11.94 8.49
C THR A 50 -9.82 -11.95 8.94
N THR A 51 -10.74 -11.42 8.15
CA THR A 51 -12.17 -11.46 8.47
C THR A 51 -12.96 -12.01 7.29
N THR A 52 -14.15 -12.50 7.55
CA THR A 52 -15.17 -12.72 6.48
C THR A 52 -15.68 -11.34 6.05
N GLU A 53 -16.16 -11.25 4.83
CA GLU A 53 -16.52 -9.92 4.30
C GLU A 53 -17.68 -9.35 5.14
N ASP A 54 -18.60 -10.19 5.62
CA ASP A 54 -19.83 -9.65 6.28
C ASP A 54 -19.52 -9.25 7.73
N HIS A 55 -18.43 -9.75 8.29
CA HIS A 55 -18.06 -9.49 9.71
C HIS A 55 -17.95 -7.98 9.92
N LYS A 56 -17.09 -7.29 9.18
CA LYS A 56 -16.94 -5.81 9.32
C LYS A 56 -17.53 -5.08 8.13
N GLY A 57 -18.00 -5.79 7.10
CA GLY A 57 -18.56 -5.15 5.90
C GLY A 57 -17.59 -5.12 4.74
N VAL A 58 -16.30 -5.04 5.02
CA VAL A 58 -15.24 -5.14 3.99
C VAL A 58 -14.24 -6.16 4.51
N TYR A 59 -13.43 -6.75 3.64
CA TYR A 59 -12.34 -7.61 4.11
C TYR A 59 -11.29 -6.79 4.84
N PHE A 60 -10.79 -7.36 5.93
CA PHE A 60 -9.53 -6.96 6.58
C PHE A 60 -8.43 -7.90 6.05
N HIS A 61 -7.24 -7.35 5.85
CA HIS A 61 -6.12 -8.08 5.18
C HIS A 61 -5.11 -8.65 6.16
N ASN A 62 -4.56 -9.78 5.78
CA ASN A 62 -3.43 -10.40 6.47
C ASN A 62 -2.15 -9.63 6.12
N HIS A 63 -1.58 -8.94 7.09
CA HIS A 63 -0.38 -8.10 6.88
C HIS A 63 0.86 -8.83 7.35
N ILE A 64 0.75 -10.10 7.74
CA ILE A 64 1.90 -10.75 8.40
C ILE A 64 3.14 -10.81 7.45
N ALA A 65 3.00 -11.16 6.20
CA ALA A 65 4.16 -11.18 5.25
C ALA A 65 4.82 -9.81 5.25
N HIS A 66 4.01 -8.75 5.08
CA HIS A 66 4.57 -7.38 5.03
C HIS A 66 5.27 -7.00 6.34
N HIS A 67 4.68 -7.28 7.49
CA HIS A 67 5.22 -6.87 8.78
C HIS A 67 6.55 -7.61 9.06
N ASP A 68 6.51 -8.93 8.94
CA ASP A 68 7.69 -9.80 9.24
C ASP A 68 8.89 -9.31 8.38
N ILE A 69 8.67 -9.22 7.08
CA ILE A 69 9.70 -8.79 6.09
C ILE A 69 10.18 -7.41 6.47
N THR A 70 9.27 -6.44 6.69
CA THR A 70 9.68 -5.07 7.04
C THR A 70 10.52 -5.06 8.32
N ILE A 71 10.12 -5.71 9.43
CA ILE A 71 10.91 -5.57 10.66
C ILE A 71 12.25 -6.35 10.52
N TRP A 72 12.28 -7.40 9.74
CA TRP A 72 13.58 -8.04 9.37
C TRP A 72 14.46 -6.98 8.70
N ALA A 73 13.96 -6.38 7.61
CA ALA A 73 14.67 -5.30 6.90
C ALA A 73 15.14 -4.17 7.84
N LEU A 74 14.43 -3.82 8.91
CA LEU A 74 14.80 -2.72 9.87
C LEU A 74 15.62 -3.22 11.06
N GLY A 75 16.10 -4.48 11.01
CA GLY A 75 17.15 -4.99 11.92
C GLY A 75 16.59 -5.71 13.15
N ALA A 76 15.35 -6.20 13.10
CA ALA A 76 14.72 -6.94 14.21
C ALA A 76 15.55 -8.19 14.49
N ASN A 77 15.66 -8.50 15.77
CA ASN A 77 16.30 -9.75 16.26
C ASN A 77 15.30 -10.89 16.12
N PRO A 78 15.73 -12.17 16.17
CA PRO A 78 14.81 -13.30 15.98
C PRO A 78 13.63 -13.33 16.96
N SER A 79 13.91 -13.03 18.19
CA SER A 79 12.92 -13.01 19.31
C SER A 79 11.81 -11.97 18.99
N THR A 80 12.22 -10.85 18.41
CA THR A 80 11.28 -9.74 18.08
C THR A 80 10.44 -10.17 16.89
N ILE A 81 11.05 -10.74 15.85
CA ILE A 81 10.31 -11.26 14.68
C ILE A 81 9.26 -12.27 15.18
N ARG A 82 9.70 -13.26 15.95
CA ARG A 82 8.80 -14.31 16.50
C ARG A 82 7.65 -13.70 17.33
N SER A 83 7.92 -12.76 18.23
CA SER A 83 6.95 -12.13 19.15
C SER A 83 5.89 -11.36 18.33
N GLN A 84 6.34 -10.59 17.34
CA GLN A 84 5.45 -9.76 16.49
C GLN A 84 4.58 -10.69 15.65
N HIS A 85 5.18 -11.69 15.02
CA HIS A 85 4.46 -12.65 14.13
C HIS A 85 3.42 -13.40 14.98
N ASP A 86 3.80 -13.89 16.16
CA ASP A 86 2.93 -14.75 17.01
C ASP A 86 1.69 -13.95 17.42
N ARG A 87 1.88 -12.69 17.80
CA ARG A 87 0.74 -11.83 18.27
C ARG A 87 -0.23 -11.62 17.11
N ASN A 88 0.27 -11.24 15.93
CA ASN A 88 -0.58 -11.03 14.74
C ASN A 88 -1.20 -12.32 14.21
N SER A 89 -0.66 -13.51 14.52
CA SER A 89 -1.23 -14.82 14.12
C SER A 89 -2.57 -15.09 14.82
N LEU A 90 -2.76 -14.52 15.99
CA LEU A 90 -3.87 -14.90 16.91
C LEU A 90 -5.22 -14.62 16.25
N TYR A 91 -5.36 -13.55 15.46
CA TYR A 91 -6.68 -13.22 14.82
C TYR A 91 -6.81 -13.68 13.36
N GLN A 92 -5.92 -14.51 12.82
CA GLN A 92 -5.94 -14.95 11.40
C GLN A 92 -7.05 -15.94 11.15
N ARG A 93 -7.48 -16.03 9.91
CA ARG A 93 -8.34 -17.13 9.43
C ARG A 93 -7.49 -18.29 8.95
N GLN A 94 -8.06 -19.48 8.99
CA GLN A 94 -7.39 -20.70 8.52
C GLN A 94 -7.28 -20.61 6.99
N ALA A 95 -6.14 -21.03 6.46
CA ALA A 95 -5.87 -21.14 5.01
C ALA A 95 -6.95 -21.97 4.32
N MET A 96 -7.20 -21.64 3.08
CA MET A 96 -8.13 -22.35 2.21
C MET A 96 -7.47 -23.64 1.75
N VAL A 97 -8.26 -24.56 1.25
CA VAL A 97 -7.76 -25.87 0.72
C VAL A 97 -7.23 -25.63 -0.69
N ILE A 98 -6.14 -26.32 -1.07
CA ILE A 98 -5.68 -26.35 -2.49
C ILE A 98 -6.31 -27.55 -3.17
N GLN A 99 -7.01 -27.31 -4.26
CA GLN A 99 -7.50 -28.37 -5.16
C GLN A 99 -6.63 -28.40 -6.43
N ASP A 100 -5.74 -29.39 -6.57
CA ASP A 100 -4.76 -29.44 -7.70
C ASP A 100 -5.49 -29.41 -9.03
N SER A 101 -6.65 -30.08 -9.15
CA SER A 101 -7.36 -30.11 -10.44
C SER A 101 -7.75 -28.67 -10.80
N VAL A 102 -8.16 -27.85 -9.82
CA VAL A 102 -8.55 -26.44 -10.11
C VAL A 102 -7.30 -25.66 -10.57
N VAL A 103 -6.22 -25.86 -9.87
CA VAL A 103 -4.90 -25.22 -10.20
C VAL A 103 -4.54 -25.50 -11.66
N LYS A 104 -4.75 -26.74 -12.15
CA LYS A 104 -4.44 -27.07 -13.57
C LYS A 104 -5.49 -26.55 -14.54
N ASP A 105 -6.77 -26.60 -14.14
CA ASP A 105 -7.93 -26.23 -14.98
C ASP A 105 -7.86 -24.71 -15.24
N MET A 106 -7.17 -23.98 -14.35
CA MET A 106 -7.04 -22.49 -14.41
C MET A 106 -6.23 -22.06 -15.64
N ALA A 107 -5.50 -23.00 -16.26
CA ALA A 107 -4.86 -22.79 -17.57
C ALA A 107 -5.92 -22.59 -18.67
N ASP A 108 -7.18 -23.01 -18.50
CA ASP A 108 -8.27 -22.64 -19.45
C ASP A 108 -8.73 -21.24 -19.02
N PRO A 109 -8.62 -20.22 -19.89
CA PRO A 109 -9.04 -18.85 -19.54
C PRO A 109 -10.49 -18.74 -19.03
N ALA A 110 -11.39 -19.59 -19.53
CA ALA A 110 -12.80 -19.61 -19.08
C ALA A 110 -12.84 -19.98 -17.57
N VAL A 111 -11.98 -20.89 -17.14
CA VAL A 111 -11.95 -21.38 -15.74
C VAL A 111 -11.26 -20.32 -14.88
N TYR A 112 -10.17 -19.79 -15.38
CA TYR A 112 -9.43 -18.71 -14.70
C TYR A 112 -10.45 -17.62 -14.34
N LYS A 113 -11.28 -17.24 -15.32
CA LYS A 113 -12.20 -16.07 -15.23
C LYS A 113 -13.30 -16.41 -14.22
N ARG A 114 -13.75 -17.64 -14.24
CA ARG A 114 -14.86 -18.09 -13.39
C ARG A 114 -14.45 -18.06 -11.91
N CYS A 115 -13.19 -18.32 -11.58
CA CYS A 115 -12.67 -18.40 -10.20
C CYS A 115 -12.36 -17.02 -9.61
N LEU A 116 -12.34 -15.96 -10.41
CA LEU A 116 -11.92 -14.62 -9.95
C LEU A 116 -12.90 -14.10 -8.88
N GLY A 117 -12.35 -13.42 -7.90
CA GLY A 117 -13.11 -12.69 -6.87
C GLY A 117 -13.64 -13.61 -5.79
N ARG A 118 -13.15 -14.83 -5.74
CA ARG A 118 -13.68 -15.85 -4.79
C ARG A 118 -12.58 -16.26 -3.84
N GLU A 119 -12.65 -15.85 -2.58
CA GLU A 119 -11.50 -15.95 -1.65
C GLU A 119 -11.15 -17.42 -1.44
N GLU A 120 -12.08 -18.34 -1.63
CA GLU A 120 -11.80 -19.78 -1.39
C GLU A 120 -10.75 -20.25 -2.43
N ASN A 121 -10.56 -19.51 -3.53
CA ASN A 121 -9.52 -19.79 -4.56
C ASN A 121 -8.16 -19.19 -4.20
N PHE A 122 -7.90 -18.64 -3.01
CA PHE A 122 -6.65 -17.89 -2.80
C PHE A 122 -5.41 -18.80 -2.98
N LEU A 123 -5.35 -19.96 -2.32
CA LEU A 123 -4.17 -20.85 -2.48
C LEU A 123 -4.14 -21.52 -3.86
N ASN A 124 -5.28 -21.80 -4.46
CA ASN A 124 -5.40 -22.30 -5.85
C ASN A 124 -4.69 -21.28 -6.77
N TYR A 125 -4.99 -19.99 -6.67
CA TYR A 125 -4.31 -18.96 -7.48
C TYR A 125 -2.82 -18.88 -7.16
N CYS A 126 -2.41 -18.96 -5.91
CA CYS A 126 -1.02 -18.96 -5.44
C CYS A 126 -0.27 -20.05 -6.24
N ARG A 127 -0.87 -21.25 -6.32
CA ARG A 127 -0.22 -22.40 -7.00
C ARG A 127 -0.29 -22.14 -8.52
N PHE A 128 -1.37 -21.60 -9.04
CA PHE A 128 -1.52 -21.30 -10.48
C PHE A 128 -0.41 -20.31 -10.89
N PHE A 129 -0.15 -19.29 -10.06
CA PHE A 129 0.86 -18.23 -10.40
C PHE A 129 2.29 -18.77 -10.18
N GLU A 130 2.53 -19.58 -9.17
CA GLU A 130 3.82 -20.29 -8.99
C GLU A 130 4.10 -21.10 -10.25
N ASP A 131 3.11 -21.87 -10.75
CA ASP A 131 3.23 -22.72 -11.97
C ASP A 131 3.50 -21.81 -13.17
N GLU A 132 2.80 -20.68 -13.29
CA GLU A 132 3.01 -19.73 -14.42
C GLU A 132 4.45 -19.17 -14.35
N ILE A 133 4.93 -18.79 -13.17
CA ILE A 133 6.30 -18.23 -13.01
C ILE A 133 7.28 -19.27 -13.55
N ASN A 134 7.14 -20.52 -13.13
CA ASN A 134 8.05 -21.61 -13.59
C ASN A 134 7.90 -21.93 -15.06
N ARG A 135 6.73 -21.84 -15.65
CA ARG A 135 6.52 -22.16 -17.06
C ARG A 135 7.11 -21.05 -17.94
N ILE A 136 6.76 -19.78 -17.72
CA ILE A 136 7.06 -18.71 -18.72
C ILE A 136 8.01 -17.67 -18.14
N GLY A 137 8.33 -17.75 -16.86
CA GLY A 137 9.22 -16.82 -16.17
C GLY A 137 8.43 -15.59 -15.69
N TYR A 138 8.90 -14.96 -14.61
CA TYR A 138 8.19 -13.87 -13.90
C TYR A 138 8.02 -12.69 -14.86
N GLN A 139 8.99 -12.47 -15.76
CA GLN A 139 8.89 -11.27 -16.62
C GLN A 139 7.70 -11.46 -17.56
N ALA A 140 7.51 -12.67 -18.07
CA ALA A 140 6.39 -12.96 -18.98
C ALA A 140 5.04 -12.94 -18.21
N VAL A 141 5.09 -13.32 -16.94
CA VAL A 141 3.93 -13.24 -16.00
C VAL A 141 3.45 -11.76 -15.89
N LEU A 142 4.38 -10.81 -15.72
CA LEU A 142 4.07 -9.34 -15.60
C LEU A 142 3.40 -8.90 -16.88
N GLN A 143 3.87 -9.38 -18.05
CA GLN A 143 3.20 -9.06 -19.32
C GLN A 143 1.81 -9.68 -19.30
N LYS A 144 1.71 -10.98 -19.02
CA LYS A 144 0.48 -11.72 -19.33
C LYS A 144 -0.64 -11.37 -18.31
N TYR A 145 -0.25 -11.05 -17.08
CA TYR A 145 -1.24 -10.81 -15.98
C TYR A 145 -1.27 -9.35 -15.52
N LEU A 146 -0.67 -8.40 -16.22
CA LEU A 146 -0.59 -7.01 -15.72
C LEU A 146 -0.52 -5.99 -16.86
N VAL A 147 0.43 -6.07 -17.81
CA VAL A 147 0.69 -4.88 -18.70
C VAL A 147 0.50 -5.15 -20.20
N ASP A 148 0.30 -6.38 -20.63
CA ASP A 148 0.33 -6.65 -22.11
C ASP A 148 -0.99 -6.21 -22.76
N GLY A 149 -1.96 -5.67 -22.00
CA GLY A 149 -3.17 -5.07 -22.59
C GLY A 149 -4.21 -6.07 -23.08
N SER A 150 -4.05 -7.37 -22.83
CA SER A 150 -5.10 -8.40 -22.99
C SER A 150 -6.24 -8.14 -22.02
N GLU A 151 -7.38 -8.78 -22.26
CA GLU A 151 -8.55 -8.67 -21.36
C GLU A 151 -8.16 -9.19 -19.97
N ILE A 152 -7.39 -10.28 -19.86
CA ILE A 152 -6.96 -10.83 -18.53
C ILE A 152 -5.95 -9.90 -17.85
N ALA A 153 -5.02 -9.26 -18.57
CA ALA A 153 -3.99 -8.40 -17.96
C ALA A 153 -4.70 -7.11 -17.49
N ASP A 154 -5.65 -6.62 -18.28
CA ASP A 154 -6.38 -5.35 -17.99
C ASP A 154 -7.22 -5.55 -16.73
N ASP A 155 -7.88 -6.71 -16.64
CA ASP A 155 -8.69 -7.12 -15.45
C ASP A 155 -7.78 -7.13 -14.21
N MET A 156 -6.64 -7.81 -14.26
CA MET A 156 -5.73 -7.96 -13.12
C MET A 156 -5.10 -6.61 -12.74
N LEU A 157 -4.79 -5.74 -13.73
CA LEU A 157 -4.19 -4.41 -13.45
C LEU A 157 -5.16 -3.61 -12.54
N CYS A 158 -6.46 -3.75 -12.64
CA CYS A 158 -7.41 -3.04 -11.73
C CYS A 158 -7.46 -3.76 -10.38
N ARG A 159 -7.39 -5.08 -10.39
CA ARG A 159 -7.51 -5.86 -9.11
C ARG A 159 -6.36 -5.59 -8.17
N ILE A 160 -5.15 -5.23 -8.63
CA ILE A 160 -3.99 -5.03 -7.72
C ILE A 160 -4.25 -3.81 -6.81
N TYR A 161 -5.22 -2.95 -7.14
CA TYR A 161 -5.53 -1.74 -6.34
C TYR A 161 -6.72 -1.96 -5.39
N MET A 162 -7.51 -3.00 -5.65
CA MET A 162 -8.73 -3.33 -4.88
C MET A 162 -8.36 -3.54 -3.41
N GLY A 163 -9.29 -3.32 -2.53
CA GLY A 163 -9.00 -3.62 -1.12
C GLY A 163 -7.90 -2.74 -0.61
N TYR A 164 -7.92 -1.43 -0.92
CA TYR A 164 -6.92 -0.45 -0.41
C TYR A 164 -5.51 -0.90 -0.84
N VAL A 165 -5.39 -1.33 -2.09
CA VAL A 165 -4.09 -1.49 -2.82
C VAL A 165 -3.20 -2.56 -2.18
N HIS A 166 -3.75 -3.54 -1.46
CA HIS A 166 -2.89 -4.57 -0.83
C HIS A 166 -2.26 -5.48 -1.92
N GLY A 167 -2.87 -5.70 -3.06
CA GLY A 167 -2.29 -6.52 -4.16
C GLY A 167 -0.99 -5.90 -4.68
N ILE A 168 -1.01 -4.60 -5.02
CA ILE A 168 0.22 -3.95 -5.53
C ILE A 168 1.27 -3.77 -4.42
N ILE A 169 0.88 -3.65 -3.13
CA ILE A 169 1.83 -3.66 -1.99
C ILE A 169 2.55 -5.02 -1.98
N HIS A 170 1.81 -6.10 -2.07
CA HIS A 170 2.38 -7.47 -2.03
C HIS A 170 3.33 -7.68 -3.22
N ILE A 171 2.86 -7.33 -4.42
CA ILE A 171 3.66 -7.47 -5.67
C ILE A 171 4.96 -6.65 -5.53
N GLY A 172 4.88 -5.39 -5.14
CA GLY A 172 6.05 -4.54 -4.89
C GLY A 172 7.05 -5.20 -3.95
N MET A 173 6.59 -5.76 -2.83
CA MET A 173 7.47 -6.34 -1.83
C MET A 173 8.10 -7.60 -2.43
N ALA A 174 7.36 -8.34 -3.25
CA ALA A 174 7.86 -9.60 -3.83
C ALA A 174 9.06 -9.24 -4.74
N LEU A 175 8.91 -8.20 -5.56
CA LEU A 175 9.98 -7.78 -6.51
C LEU A 175 11.15 -7.21 -5.70
N GLU A 176 10.88 -6.36 -4.71
CA GLU A 176 11.90 -5.73 -3.88
C GLU A 176 12.76 -6.79 -3.17
N PHE A 177 12.14 -7.83 -2.62
CA PHE A 177 12.89 -8.80 -1.77
C PHE A 177 13.18 -10.07 -2.58
N LYS A 178 12.78 -10.10 -3.85
CA LYS A 178 13.17 -11.09 -4.88
C LYS A 178 12.63 -12.46 -4.49
N GLN A 179 11.32 -12.57 -4.25
CA GLN A 179 10.70 -13.85 -3.83
C GLN A 179 9.64 -14.22 -4.80
N ALA A 180 9.79 -15.26 -5.62
CA ALA A 180 8.73 -15.66 -6.57
C ALA A 180 7.50 -16.16 -5.76
N ARG A 181 7.74 -16.64 -4.55
CA ARG A 181 6.64 -17.25 -3.74
C ARG A 181 5.72 -16.12 -3.29
N LEU A 182 6.32 -14.99 -2.92
CA LEU A 182 5.57 -13.75 -2.53
C LEU A 182 4.94 -13.11 -3.75
N LEU A 183 5.54 -13.22 -4.93
CA LEU A 183 4.94 -12.68 -6.16
C LEU A 183 3.66 -13.40 -6.52
N ALA A 184 3.63 -14.73 -6.41
CA ALA A 184 2.43 -15.53 -6.64
C ALA A 184 1.35 -15.19 -5.59
N GLU A 185 1.75 -15.01 -4.34
CA GLU A 185 0.84 -14.55 -3.24
C GLU A 185 0.18 -13.24 -3.67
N GLY A 186 0.95 -12.31 -4.24
CA GLY A 186 0.45 -10.98 -4.65
C GLY A 186 -0.57 -11.04 -5.76
N PHE A 187 -0.30 -11.73 -6.86
CA PHE A 187 -1.29 -11.90 -7.93
C PHE A 187 -2.53 -12.63 -7.41
N ALA A 188 -2.32 -13.67 -6.60
CA ALA A 188 -3.43 -14.46 -6.01
C ALA A 188 -4.33 -13.53 -5.15
N GLN A 189 -3.73 -12.67 -4.36
CA GLN A 189 -4.45 -11.71 -3.48
C GLN A 189 -5.33 -10.85 -4.36
N ALA A 190 -4.74 -10.22 -5.39
CA ALA A 190 -5.51 -9.40 -6.32
C ALA A 190 -6.63 -10.23 -6.94
N ALA A 191 -6.35 -11.47 -7.42
CA ALA A 191 -7.32 -12.26 -8.14
C ALA A 191 -8.61 -12.44 -7.29
N VAL A 192 -8.50 -12.57 -5.98
CA VAL A 192 -9.67 -12.99 -5.17
C VAL A 192 -10.45 -11.75 -4.68
N HIS A 193 -9.95 -10.54 -4.90
CA HIS A 193 -10.75 -9.31 -4.60
C HIS A 193 -11.90 -9.14 -5.58
N HIS A 194 -12.93 -8.39 -5.18
CA HIS A 194 -14.12 -8.16 -6.05
C HIS A 194 -14.72 -6.79 -5.79
N ASP A 195 -13.86 -5.80 -5.63
CA ASP A 195 -14.25 -4.37 -5.45
C ASP A 195 -14.35 -3.72 -6.83
N TRP A 196 -15.52 -3.93 -7.40
CA TRP A 196 -15.90 -3.64 -8.82
C TRP A 196 -15.73 -2.15 -9.14
N TRP A 197 -15.83 -1.28 -8.16
CA TRP A 197 -15.74 0.20 -8.38
C TRP A 197 -14.33 0.61 -8.78
N TYR A 198 -13.27 -0.13 -8.41
CA TYR A 198 -11.90 0.15 -8.84
C TYR A 198 -11.81 -0.11 -10.37
N THR A 199 -12.39 -1.20 -10.85
CA THR A 199 -12.40 -1.51 -12.32
C THR A 199 -13.07 -0.35 -13.08
N GLU A 200 -14.21 0.10 -12.62
CA GLU A 200 -15.01 1.17 -13.29
C GLU A 200 -14.23 2.49 -13.27
N TYR A 201 -13.72 2.88 -12.12
CA TYR A 201 -13.00 4.17 -11.98
C TYR A 201 -11.73 4.17 -12.82
N LEU A 202 -10.95 3.09 -12.79
CA LEU A 202 -9.63 3.11 -13.42
C LEU A 202 -9.84 2.98 -14.93
N THR A 203 -10.86 2.23 -15.33
CA THR A 203 -11.18 2.00 -16.77
C THR A 203 -11.71 3.32 -17.36
N GLN A 204 -12.73 3.89 -16.72
CA GLN A 204 -13.35 5.17 -17.17
C GLN A 204 -12.32 6.28 -17.12
N SER A 205 -11.42 6.34 -16.13
CA SER A 205 -10.41 7.42 -16.04
C SER A 205 -9.38 7.30 -17.18
N GLU A 206 -8.90 6.08 -17.47
CA GLU A 206 -7.95 5.85 -18.57
C GLU A 206 -8.59 6.23 -19.91
N GLU A 207 -9.86 5.90 -20.15
CA GLU A 207 -10.54 6.27 -21.42
C GLU A 207 -10.54 7.81 -21.48
N LEU A 208 -10.93 8.47 -20.40
CA LEU A 208 -11.01 9.96 -20.44
C LEU A 208 -9.62 10.54 -20.71
N ALA A 209 -8.57 9.99 -20.10
CA ALA A 209 -7.19 10.47 -20.22
C ALA A 209 -6.74 10.44 -21.69
N ARG A 210 -7.16 9.42 -22.43
CA ARG A 210 -6.85 9.23 -23.88
C ARG A 210 -7.15 10.54 -24.63
N LYS A 211 -8.28 11.19 -24.33
CA LYS A 211 -8.73 12.45 -25.00
C LYS A 211 -7.79 13.65 -24.75
N GLN A 212 -6.92 13.61 -23.73
CA GLN A 212 -5.93 14.68 -23.41
C GLN A 212 -6.59 16.08 -23.43
N GLU A 213 -7.76 16.24 -22.79
CA GLU A 213 -8.57 17.49 -22.78
C GLU A 213 -7.85 18.63 -22.05
N GLU A 214 -7.02 18.36 -21.02
CA GLU A 214 -6.30 19.41 -20.27
C GLU A 214 -4.88 18.97 -20.05
N PRO A 215 -3.93 19.89 -19.87
CA PRO A 215 -2.52 19.52 -19.68
C PRO A 215 -2.26 18.62 -18.47
N ALA A 216 -1.22 17.81 -18.60
CA ALA A 216 -0.83 16.83 -17.58
C ALA A 216 -0.17 17.64 -16.49
N LEU A 217 -0.37 17.22 -15.25
CA LEU A 217 0.20 17.84 -14.04
C LEU A 217 0.86 16.75 -13.23
N PRO A 218 1.91 17.14 -12.47
CA PRO A 218 2.44 16.31 -11.42
C PRO A 218 1.26 15.93 -10.51
N LEU A 219 1.41 14.76 -9.87
CA LEU A 219 0.47 14.31 -8.82
C LEU A 219 0.28 15.37 -7.73
N SER A 220 1.33 15.97 -7.16
CA SER A 220 1.25 17.06 -6.13
C SER A 220 0.26 18.14 -6.58
N ASP A 221 0.32 18.57 -7.84
CA ASP A 221 -0.61 19.64 -8.34
C ASP A 221 -2.03 19.13 -8.41
N LEU A 222 -2.25 17.85 -8.73
CA LEU A 222 -3.62 17.28 -8.90
C LEU A 222 -4.23 17.02 -7.51
N ILE A 223 -3.40 16.75 -6.50
CA ILE A 223 -3.85 16.64 -5.08
C ILE A 223 -4.45 18.02 -4.69
N ASP A 224 -3.72 19.09 -5.01
CA ASP A 224 -4.15 20.50 -4.76
C ASP A 224 -5.42 20.81 -5.57
N LEU A 225 -5.50 20.45 -6.85
CA LEU A 225 -6.68 20.74 -7.71
C LEU A 225 -7.93 20.07 -7.15
N ALA A 226 -7.85 18.82 -6.67
CA ALA A 226 -9.00 18.11 -6.09
C ALA A 226 -9.61 18.94 -4.94
N ARG A 227 -8.80 19.60 -4.11
CA ARG A 227 -9.31 20.39 -2.95
C ARG A 227 -10.08 21.63 -3.39
N GLN A 228 -9.80 22.17 -4.57
CA GLN A 228 -10.44 23.44 -5.04
C GLN A 228 -11.84 23.13 -5.53
N ASP A 229 -12.15 21.85 -5.75
CA ASP A 229 -13.43 21.48 -6.39
C ASP A 229 -14.52 21.36 -5.34
N ASP A 230 -15.62 22.09 -5.49
CA ASP A 230 -16.76 21.98 -4.52
C ASP A 230 -17.22 20.53 -4.37
N ALA A 231 -17.41 19.82 -5.47
CA ALA A 231 -18.01 18.48 -5.40
C ALA A 231 -17.01 17.53 -4.72
N ILE A 232 -15.74 17.64 -5.08
CA ILE A 232 -14.73 16.68 -4.54
C ILE A 232 -14.53 16.96 -3.05
N ARG A 233 -14.36 18.24 -2.68
CA ARG A 233 -14.00 18.57 -1.28
C ARG A 233 -15.16 18.24 -0.33
N ASN A 234 -16.38 18.14 -0.82
CA ASN A 234 -17.57 17.81 0.02
C ASN A 234 -18.12 16.41 -0.21
N CYS A 235 -17.47 15.53 -1.00
CA CYS A 235 -18.10 14.26 -1.47
C CYS A 235 -18.13 13.18 -0.39
N SER A 236 -17.37 13.37 0.70
CA SER A 236 -17.25 12.31 1.73
C SER A 236 -17.77 12.81 3.09
N THR A 237 -17.63 12.01 4.14
CA THR A 237 -18.01 12.33 5.53
C THR A 237 -17.18 11.51 6.53
N LEU A 238 -17.01 12.03 7.74
CA LEU A 238 -16.40 11.25 8.85
C LEU A 238 -17.31 10.08 9.24
N TYR A 239 -18.62 10.18 8.93
CA TYR A 239 -19.60 9.12 9.25
C TYR A 239 -19.12 7.74 8.74
N TYR A 240 -18.39 7.65 7.61
CA TYR A 240 -17.87 6.32 7.16
C TYR A 240 -17.01 5.68 8.26
N HIS A 241 -16.31 6.46 9.08
CA HIS A 241 -15.44 5.92 10.17
C HIS A 241 -16.20 5.78 11.49
N LEU A 242 -17.45 6.24 11.57
CA LEU A 242 -18.27 6.17 12.81
C LEU A 242 -19.47 5.24 12.67
N GLN A 243 -19.73 4.64 11.50
CA GLN A 243 -20.98 3.84 11.31
C GLN A 243 -20.93 2.60 12.20
N LYS A 244 -22.09 2.29 12.79
CA LYS A 244 -22.28 1.12 13.69
C LYS A 244 -23.41 0.23 13.17
N ARG A 245 -23.31 -1.06 13.44
CA ARG A 245 -24.36 -2.07 13.19
C ARG A 245 -25.57 -1.75 14.10
N LYS A 246 -26.79 -1.69 13.53
CA LYS A 246 -28.01 -1.20 14.24
C LYS A 246 -28.22 -2.01 15.52
N VAL A 247 -28.06 -3.32 15.46
CA VAL A 247 -28.45 -4.20 16.60
C VAL A 247 -27.34 -4.15 17.67
N THR A 248 -26.11 -4.44 17.29
CA THR A 248 -25.00 -4.70 18.27
C THR A 248 -24.13 -3.46 18.54
N GLY A 249 -24.22 -2.41 17.73
CA GLY A 249 -23.41 -1.20 17.89
C GLY A 249 -21.96 -1.39 17.48
N GLU A 250 -21.61 -2.58 16.98
CA GLU A 250 -20.25 -2.91 16.49
C GLU A 250 -19.88 -2.06 15.26
N MET A 251 -18.59 -1.76 15.13
CA MET A 251 -18.00 -1.00 14.00
C MET A 251 -18.24 -1.81 12.72
N CYS A 252 -18.54 -1.12 11.63
CA CYS A 252 -18.62 -1.76 10.29
C CYS A 252 -18.26 -0.71 9.25
N LEU A 253 -18.09 -1.18 8.01
CA LEU A 253 -17.85 -0.32 6.83
C LEU A 253 -18.87 -0.79 5.81
N ASP A 254 -20.14 -0.85 6.21
CA ASP A 254 -21.26 -1.31 5.33
C ASP A 254 -21.42 -0.31 4.20
N LEU A 255 -21.23 0.98 4.47
CA LEU A 255 -21.01 2.06 3.48
C LEU A 255 -19.51 2.31 3.35
N GLU A 256 -19.03 2.55 2.13
CA GLU A 256 -17.57 2.54 1.83
C GLU A 256 -17.26 3.87 1.16
N PRO A 257 -16.27 4.63 1.63
CA PRO A 257 -16.11 6.02 1.19
C PRO A 257 -16.05 6.15 -0.34
N ALA A 258 -15.27 5.29 -1.02
CA ALA A 258 -15.08 5.43 -2.48
C ALA A 258 -16.38 5.08 -3.23
N ARG A 259 -16.98 3.92 -2.97
CA ARG A 259 -18.18 3.44 -3.67
C ARG A 259 -19.38 4.33 -3.31
N ASP A 260 -19.56 4.67 -2.04
CA ASP A 260 -20.85 5.29 -1.59
C ASP A 260 -20.72 6.80 -1.48
N GLY A 261 -19.50 7.33 -1.47
CA GLY A 261 -19.17 8.75 -1.28
C GLY A 261 -18.59 9.38 -2.52
N VAL A 262 -17.30 9.12 -2.78
CA VAL A 262 -16.49 9.83 -3.80
C VAL A 262 -17.15 9.55 -5.16
N LEU A 263 -17.36 8.29 -5.49
CA LEU A 263 -17.76 7.96 -6.89
C LEU A 263 -19.25 8.25 -7.07
N LYS A 264 -20.02 8.22 -6.00
CA LYS A 264 -21.46 8.55 -6.05
C LYS A 264 -21.67 10.07 -6.17
N ASN A 265 -20.90 10.89 -5.46
CA ASN A 265 -21.21 12.35 -5.33
C ASN A 265 -20.32 13.19 -6.24
N ALA A 266 -19.14 12.70 -6.67
CA ALA A 266 -18.15 13.52 -7.39
C ALA A 266 -17.41 12.70 -8.47
N GLY A 267 -18.06 11.69 -9.01
CA GLY A 267 -17.45 10.81 -10.05
C GLY A 267 -16.88 11.59 -11.24
N PRO A 268 -17.74 12.35 -11.98
CA PRO A 268 -17.25 13.14 -13.11
C PRO A 268 -16.13 14.12 -12.74
N GLU A 269 -16.27 14.78 -11.60
CA GLU A 269 -15.26 15.76 -11.17
C GLU A 269 -13.96 15.05 -10.86
N LEU A 270 -14.00 13.92 -10.14
CA LEU A 270 -12.72 13.24 -9.83
C LEU A 270 -12.10 12.67 -11.12
N ARG A 271 -12.89 12.03 -11.95
CA ARG A 271 -12.39 11.46 -13.23
C ARG A 271 -11.73 12.54 -14.08
N ARG A 272 -12.25 13.77 -14.04
CA ARG A 272 -11.67 14.92 -14.78
C ARG A 272 -10.29 15.24 -14.24
N VAL A 273 -10.06 15.16 -12.92
CA VAL A 273 -8.72 15.37 -12.32
C VAL A 273 -7.81 14.20 -12.68
N ALA A 274 -8.29 12.97 -12.46
CA ALA A 274 -7.55 11.71 -12.66
C ALA A 274 -6.99 11.67 -14.10
N ALA A 275 -7.84 12.04 -15.05
CA ALA A 275 -7.54 12.14 -16.50
C ALA A 275 -6.33 13.03 -16.78
N ARG A 276 -5.97 13.96 -15.90
CA ARG A 276 -4.76 14.82 -16.07
C ARG A 276 -3.51 14.15 -15.52
N TYR A 277 -3.58 13.01 -14.82
CA TYR A 277 -2.35 12.38 -14.31
C TYR A 277 -1.85 11.47 -15.44
N ARG A 278 -1.05 12.04 -16.35
CA ARG A 278 -0.51 11.35 -17.57
C ARG A 278 0.98 11.50 -17.46
N VAL A 279 1.68 10.39 -17.46
CA VAL A 279 3.08 10.31 -17.05
C VAL A 279 3.92 10.26 -18.33
N ASP A 280 5.11 10.86 -18.28
CA ASP A 280 5.98 10.95 -19.50
C ASP A 280 6.87 9.72 -19.56
N PRO A 281 6.72 8.83 -20.55
CA PRO A 281 7.56 7.62 -20.65
C PRO A 281 9.06 7.88 -20.82
N ASN A 282 9.44 9.12 -21.17
CA ASN A 282 10.86 9.53 -21.32
C ASN A 282 11.38 10.21 -20.05
N ASP A 283 10.59 10.31 -18.97
CA ASP A 283 11.01 11.04 -17.74
C ASP A 283 10.62 10.20 -16.49
N LEU A 284 10.90 8.88 -16.47
CA LEU A 284 10.31 7.97 -15.44
C LEU A 284 11.08 8.02 -14.14
N GLU A 285 12.38 8.34 -14.13
CA GLU A 285 13.14 8.39 -12.85
C GLU A 285 12.52 9.52 -12.02
N ARG A 286 12.32 10.68 -12.64
CA ARG A 286 11.71 11.83 -11.94
C ARG A 286 10.21 11.54 -11.69
N ALA A 287 9.46 11.03 -12.64
CA ALA A 287 8.00 10.84 -12.45
C ALA A 287 7.73 9.81 -11.34
N THR A 288 8.61 8.85 -11.16
CA THR A 288 8.44 7.82 -10.11
C THR A 288 8.74 8.47 -8.76
N ALA A 289 9.80 9.26 -8.68
CA ALA A 289 10.16 9.93 -7.44
C ALA A 289 9.06 10.93 -7.07
N GLU A 290 8.49 11.59 -8.07
CA GLU A 290 7.44 12.62 -7.89
C GLU A 290 6.18 11.94 -7.30
N LEU A 291 5.78 10.76 -7.78
CA LEU A 291 4.62 10.01 -7.21
C LEU A 291 4.91 9.67 -5.75
N GLN A 292 6.10 9.21 -5.41
CA GLN A 292 6.53 8.85 -4.05
C GLN A 292 6.54 10.10 -3.15
N ASN A 293 6.95 11.24 -3.68
CA ASN A 293 7.03 12.46 -2.86
C ASN A 293 5.57 12.88 -2.56
N ALA A 294 4.72 12.82 -3.56
CA ALA A 294 3.30 13.27 -3.50
C ALA A 294 2.57 12.40 -2.46
N ALA A 295 2.88 11.12 -2.40
CA ALA A 295 2.28 10.23 -1.35
C ALA A 295 2.66 10.76 0.03
N VAL A 296 3.92 11.13 0.27
CA VAL A 296 4.39 11.69 1.54
C VAL A 296 3.70 13.05 1.77
N TYR A 297 3.54 13.83 0.71
CA TYR A 297 2.88 15.16 0.77
C TYR A 297 1.46 15.02 1.30
N LEU A 298 0.66 14.16 0.68
CA LEU A 298 -0.79 14.13 1.02
C LEU A 298 -0.97 13.42 2.38
N THR A 299 -0.06 12.52 2.72
CA THR A 299 -0.13 11.72 3.97
C THR A 299 0.46 12.45 5.17
N ALA A 300 1.78 12.64 5.21
CA ALA A 300 2.47 13.36 6.29
C ALA A 300 1.92 14.80 6.38
N GLY A 301 1.48 15.38 5.28
CA GLY A 301 0.94 16.76 5.31
C GLY A 301 -0.42 16.85 6.00
N ALA A 302 -1.15 15.75 6.19
CA ALA A 302 -2.58 15.80 6.63
C ALA A 302 -2.66 16.05 8.17
N GLN A 303 -2.10 17.16 8.61
CA GLN A 303 -1.97 17.55 10.04
C GLN A 303 -2.94 18.69 10.39
N ARG A 304 -3.23 18.82 11.68
CA ARG A 304 -4.22 19.82 12.16
CA ARG A 304 -4.21 19.83 12.15
C ARG A 304 -3.70 20.44 13.45
N PRO A 305 -3.11 21.64 13.39
CA PRO A 305 -2.80 22.41 14.60
C PRO A 305 -4.14 22.58 15.34
N PRO A 306 -4.17 22.49 16.70
CA PRO A 306 -2.97 22.33 17.54
C PRO A 306 -2.61 20.92 18.01
N HIS A 307 -3.10 19.91 17.32
CA HIS A 307 -2.95 18.50 17.73
C HIS A 307 -1.51 18.01 17.51
N ILE A 308 -1.15 16.90 18.16
CA ILE A 308 0.08 16.15 17.81
C ILE A 308 -0.06 15.69 16.35
N CYS A 309 1.08 15.43 15.74
CA CYS A 309 1.12 14.82 14.41
C CYS A 309 0.52 13.41 14.51
N ALA A 310 -0.31 13.03 13.56
CA ALA A 310 -0.94 11.70 13.46
C ALA A 310 -1.05 11.38 11.98
N PHE A 311 -1.09 10.10 11.65
CA PHE A 311 -1.06 9.57 10.28
C PHE A 311 -2.37 8.86 10.05
N ASP A 312 -2.92 9.09 8.88
CA ASP A 312 -4.24 8.56 8.50
C ASP A 312 -4.09 7.14 7.97
N PHE A 313 -4.83 6.22 8.53
CA PHE A 313 -4.71 4.77 8.25
C PHE A 313 -4.93 4.52 6.75
N PHE A 314 -5.90 5.22 6.17
CA PHE A 314 -6.28 5.04 4.75
C PHE A 314 -5.21 5.73 3.90
N LEU A 315 -4.89 7.00 4.19
CA LEU A 315 -3.92 7.74 3.35
C LEU A 315 -2.55 7.04 3.34
N LEU A 316 -2.10 6.45 4.46
CA LEU A 316 -0.72 5.89 4.49
C LEU A 316 -0.58 4.70 3.54
N HIS A 317 -1.65 4.09 3.03
CA HIS A 317 -1.52 3.04 2.00
C HIS A 317 -0.97 3.69 0.71
N SER A 318 -1.06 5.03 0.54
CA SER A 318 -0.41 5.66 -0.64
C SER A 318 1.12 5.58 -0.51
N VAL A 319 1.64 5.93 0.64
CA VAL A 319 3.09 5.85 0.94
C VAL A 319 3.53 4.39 0.81
N THR A 320 2.87 3.47 1.51
CA THR A 320 3.39 2.07 1.52
C THR A 320 3.29 1.43 0.13
N SER A 321 2.32 1.71 -0.71
CA SER A 321 2.17 1.14 -2.06
C SER A 321 3.23 1.75 -3.00
N SER A 322 3.70 2.98 -2.73
CA SER A 322 4.50 3.82 -3.67
C SER A 322 5.87 3.18 -3.93
N ILE A 323 6.43 2.48 -2.94
CA ILE A 323 7.81 1.89 -3.03
C ILE A 323 7.90 0.93 -4.24
N GLY A 324 6.85 0.21 -4.58
CA GLY A 324 6.88 -0.83 -5.61
C GLY A 324 7.28 -0.26 -6.97
N HIS A 325 6.93 1.01 -7.20
CA HIS A 325 7.26 1.67 -8.50
C HIS A 325 8.77 1.82 -8.66
N THR A 326 9.56 1.80 -7.61
CA THR A 326 11.03 1.80 -7.73
C THR A 326 11.42 0.48 -8.42
N MET A 327 10.80 -0.64 -8.06
CA MET A 327 11.10 -1.96 -8.69
C MET A 327 10.57 -2.00 -10.11
N PHE A 328 9.39 -1.45 -10.38
CA PHE A 328 8.82 -1.41 -11.74
C PHE A 328 9.76 -0.59 -12.63
N LEU A 329 10.35 0.44 -12.06
CA LEU A 329 11.24 1.35 -12.83
C LEU A 329 12.51 0.55 -13.19
N ALA A 330 13.03 -0.25 -12.26
CA ALA A 330 14.31 -1.00 -12.41
C ALA A 330 14.15 -2.20 -13.35
N GLU A 331 12.91 -2.57 -13.72
CA GLU A 331 12.60 -3.85 -14.41
C GLU A 331 12.85 -3.67 -15.92
N PRO A 332 13.88 -4.33 -16.50
CA PRO A 332 14.14 -4.27 -17.94
C PRO A 332 13.02 -4.73 -18.85
N SER A 333 12.20 -5.71 -18.41
CA SER A 333 11.23 -6.42 -19.26
C SER A 333 9.98 -5.59 -19.46
N LEU A 334 9.81 -4.51 -18.69
CA LEU A 334 8.66 -3.60 -18.87
C LEU A 334 9.08 -2.49 -19.85
N SER A 335 8.25 -2.17 -20.81
CA SER A 335 8.44 -0.97 -21.66
C SER A 335 8.33 0.32 -20.82
N ASN A 336 8.83 1.43 -21.34
CA ASN A 336 8.63 2.74 -20.67
C ASN A 336 7.13 3.03 -20.61
N ALA A 337 6.38 2.70 -21.66
CA ALA A 337 4.94 2.97 -21.73
C ALA A 337 4.21 2.17 -20.64
N GLN A 338 4.60 0.90 -20.43
CA GLN A 338 4.00 0.04 -19.37
C GLN A 338 4.35 0.64 -18.01
N LYS A 339 5.59 1.07 -17.77
CA LYS A 339 5.99 1.63 -16.46
C LYS A 339 5.15 2.92 -16.24
N ALA A 340 4.94 3.73 -17.27
CA ALA A 340 4.12 4.96 -17.18
C ALA A 340 2.68 4.63 -16.78
N ARG A 341 2.09 3.61 -17.42
CA ARG A 341 0.68 3.21 -17.22
C ARG A 341 0.47 2.72 -15.78
N LEU A 342 1.39 1.92 -15.25
CA LEU A 342 1.40 1.52 -13.82
C LEU A 342 1.41 2.78 -12.89
N LEU A 343 2.31 3.74 -13.09
CA LEU A 343 2.38 4.96 -12.26
C LEU A 343 1.02 5.66 -12.36
N GLU A 344 0.44 5.78 -13.55
CA GLU A 344 -0.86 6.47 -13.76
C GLU A 344 -1.96 5.83 -12.91
N TYR A 345 -2.16 4.52 -13.01
CA TYR A 345 -3.15 3.77 -12.21
C TYR A 345 -2.89 4.09 -10.72
N THR A 346 -1.65 4.02 -10.20
CA THR A 346 -1.40 4.18 -8.75
C THR A 346 -1.81 5.62 -8.33
N GLY A 347 -1.37 6.61 -9.10
CA GLY A 347 -1.69 8.02 -8.82
C GLY A 347 -3.16 8.26 -8.80
N ARG A 348 -3.93 7.72 -9.75
CA ARG A 348 -5.38 7.94 -9.80
C ARG A 348 -6.01 7.29 -8.55
N VAL A 349 -5.48 6.18 -8.08
CA VAL A 349 -6.02 5.59 -6.83
C VAL A 349 -5.71 6.50 -5.64
N PHE A 350 -4.51 7.10 -5.56
CA PHE A 350 -4.11 8.04 -4.49
C PHE A 350 -5.18 9.15 -4.45
N LEU A 351 -5.58 9.67 -5.61
CA LEU A 351 -6.61 10.76 -5.68
C LEU A 351 -7.95 10.28 -5.10
N LEU A 352 -8.37 9.06 -5.42
CA LEU A 352 -9.64 8.47 -4.97
C LEU A 352 -9.59 8.34 -3.43
N SER A 353 -8.51 7.78 -2.91
CA SER A 353 -8.30 7.57 -1.44
C SER A 353 -8.34 8.93 -0.70
N TYR A 354 -7.61 9.89 -1.22
CA TYR A 354 -7.46 11.24 -0.64
C TYR A 354 -8.83 11.93 -0.53
N ALA A 355 -9.62 11.89 -1.60
CA ALA A 355 -10.99 12.46 -1.59
C ALA A 355 -11.87 11.75 -0.52
N GLY A 356 -11.77 10.42 -0.38
CA GLY A 356 -12.57 9.65 0.59
C GLY A 356 -12.27 10.04 2.03
N GLN A 357 -11.08 10.54 2.33
CA GLN A 357 -10.68 10.94 3.70
C GLN A 357 -10.94 12.45 3.90
N GLY A 358 -11.65 13.10 2.97
CA GLY A 358 -11.99 14.52 3.15
C GLY A 358 -10.96 15.50 2.58
N SER A 359 -10.04 15.04 1.72
CA SER A 359 -9.06 15.90 1.02
C SER A 359 -8.35 16.87 1.96
N PRO A 360 -7.72 16.37 3.06
CA PRO A 360 -7.08 17.21 4.03
C PRO A 360 -6.10 18.20 3.39
N GLU A 361 -6.25 19.46 3.74
CA GLU A 361 -5.31 20.53 3.28
C GLU A 361 -3.94 20.31 3.93
N PRO A 362 -2.85 20.17 3.16
CA PRO A 362 -1.53 19.90 3.73
C PRO A 362 -1.06 21.05 4.61
N ARG A 363 -0.51 20.69 5.76
CA ARG A 363 0.08 21.63 6.73
C ARG A 363 1.52 21.18 7.00
N LEU A 364 2.39 21.36 6.01
CA LEU A 364 3.81 20.92 6.15
C LEU A 364 4.52 21.79 7.18
N ASP A 365 4.04 23.01 7.44
CA ASP A 365 4.58 23.93 8.46
C ASP A 365 4.41 23.30 9.84
N TRP A 366 3.26 22.66 10.08
CA TRP A 366 2.96 22.05 11.41
C TRP A 366 3.75 20.75 11.53
N LEU A 367 3.76 19.96 10.48
CA LEU A 367 4.63 18.76 10.43
C LEU A 367 6.08 19.16 10.76
N ALA A 368 6.64 20.19 10.11
CA ALA A 368 8.07 20.51 10.22
C ALA A 368 8.44 20.90 11.65
N SER A 369 7.50 21.42 12.44
CA SER A 369 7.77 21.87 13.83
C SER A 369 7.54 20.75 14.85
N HIS A 370 7.26 19.53 14.41
CA HIS A 370 7.10 18.39 15.34
C HIS A 370 8.28 18.32 16.29
N PRO A 371 8.05 18.39 17.62
CA PRO A 371 9.13 18.24 18.60
C PRO A 371 9.42 16.76 18.85
N SER A 372 10.65 16.31 18.65
CA SER A 372 11.05 14.89 18.82
C SER A 372 10.87 14.48 20.29
N ARG A 373 10.17 13.40 20.56
CA ARG A 373 9.94 12.93 21.94
C ARG A 373 11.33 12.61 22.53
N LEU A 374 12.17 11.97 21.74
CA LEU A 374 13.53 11.52 22.20
C LEU A 374 14.60 12.34 21.48
N PRO A 375 15.73 12.63 22.16
CA PRO A 375 16.87 13.25 21.48
C PRO A 375 17.62 12.38 20.46
N ASN A 376 18.36 13.03 19.54
CA ASN A 376 19.42 12.43 18.67
C ASN A 376 18.83 11.28 17.85
N GLN A 377 17.64 11.49 17.27
CA GLN A 377 16.92 10.49 16.47
C GLN A 377 17.26 10.71 14.99
N GLY A 378 18.00 9.77 14.40
CA GLY A 378 18.19 9.61 12.96
C GLY A 378 17.35 8.46 12.48
N TRP A 379 17.43 8.14 11.19
CA TRP A 379 16.69 7.00 10.60
C TRP A 379 17.03 5.69 11.32
N ASP A 380 18.30 5.45 11.67
CA ASP A 380 18.66 4.18 12.33
C ASP A 380 17.93 4.05 13.66
N GLU A 381 17.84 5.13 14.44
CA GLU A 381 17.13 5.13 15.74
C GLU A 381 15.63 4.87 15.49
N VAL A 382 15.08 5.49 14.46
CA VAL A 382 13.60 5.40 14.18
C VAL A 382 13.32 3.97 13.74
N PHE A 383 14.15 3.42 12.84
CA PHE A 383 14.04 2.04 12.32
C PHE A 383 14.00 1.08 13.51
N ASP A 384 14.91 1.22 14.47
CA ASP A 384 14.97 0.27 15.60
C ASP A 384 13.69 0.38 16.44
N ARG A 385 13.23 1.59 16.71
CA ARG A 385 11.99 1.78 17.48
C ARG A 385 10.83 1.12 16.72
N ALA A 386 10.81 1.18 15.39
CA ALA A 386 9.69 0.67 14.57
C ALA A 386 9.60 -0.86 14.70
N CYS A 387 10.75 -1.53 14.92
CA CYS A 387 10.84 -3.00 15.13
C CYS A 387 9.99 -3.43 16.33
N TYR A 388 9.90 -2.62 17.37
CA TYR A 388 9.26 -2.97 18.65
C TYR A 388 7.82 -2.47 18.68
N HIS A 389 7.38 -1.67 17.71
CA HIS A 389 6.01 -1.09 17.75
C HIS A 389 4.98 -2.18 17.48
N GLU A 390 4.07 -2.38 18.45
CA GLU A 390 3.22 -3.61 18.46
C GLU A 390 1.91 -3.38 17.70
N ASP A 391 1.98 -3.15 16.40
CA ASP A 391 0.79 -3.22 15.51
C ASP A 391 0.95 -4.39 14.54
N ASP A 392 0.33 -4.32 13.36
CA ASP A 392 0.30 -5.39 12.33
C ASP A 392 1.26 -5.05 11.19
N GLY A 393 2.08 -4.02 11.36
CA GLY A 393 3.07 -3.63 10.35
C GLY A 393 2.85 -2.26 9.77
N HIS A 394 1.69 -1.62 9.94
CA HIS A 394 1.49 -0.34 9.20
C HIS A 394 2.56 0.69 9.62
N MET A 395 2.89 0.84 10.89
CA MET A 395 3.78 1.90 11.39
C MET A 395 5.16 1.70 10.74
N CYS A 396 5.68 0.49 10.79
CA CYS A 396 7.05 0.23 10.24
C CYS A 396 7.09 0.32 8.73
N LEU A 398 5.09 2.36 6.85
CA LEU A 398 5.06 3.79 6.61
C LEU A 398 6.46 4.41 6.78
N ILE A 399 7.17 4.06 7.85
CA ILE A 399 8.48 4.66 8.23
C ILE A 399 9.50 4.25 7.15
N ARG A 400 9.57 2.97 6.79
CA ARG A 400 10.57 2.48 5.79
C ARG A 400 10.29 3.08 4.41
N CYS A 401 9.03 3.27 4.05
CA CYS A 401 8.66 3.77 2.71
C CYS A 401 8.89 5.31 2.64
N MET A 402 8.71 6.05 3.73
CA MET A 402 9.05 7.49 3.75
C MET A 402 10.58 7.61 3.65
N ALA A 403 11.35 6.73 4.31
CA ALA A 403 12.83 6.81 4.27
C ALA A 403 13.29 6.56 2.82
N HIS A 404 12.62 5.66 2.10
CA HIS A 404 12.91 5.39 0.69
C HIS A 404 12.60 6.62 -0.15
N ALA A 405 11.45 7.23 0.09
CA ALA A 405 11.02 8.37 -0.71
C ALA A 405 12.04 9.51 -0.57
N GLU A 406 12.59 9.74 0.62
CA GLU A 406 13.60 10.80 0.87
C GLU A 406 14.74 10.57 -0.13
N GLU A 407 15.25 9.35 -0.19
CA GLU A 407 16.36 8.96 -1.11
C GLU A 407 15.96 9.20 -2.57
N THR A 408 14.75 8.80 -3.02
CA THR A 408 14.39 8.93 -4.44
C THR A 408 14.13 10.42 -4.79
N SER A 409 13.78 11.23 -3.79
CA SER A 409 13.49 12.67 -3.98
C SER A 409 14.80 13.48 -4.09
N ARG A 410 15.92 12.99 -3.56
CA ARG A 410 17.11 13.84 -3.26
C ARG A 410 17.63 14.48 -4.55
N PRO A 411 17.72 13.77 -5.70
CA PRO A 411 18.10 14.40 -6.97
C PRO A 411 17.22 15.59 -7.40
N TYR A 412 15.97 15.62 -6.91
CA TYR A 412 14.90 16.51 -7.40
C TYR A 412 14.48 17.49 -6.29
N ASP A 413 15.26 17.63 -5.21
CA ASP A 413 14.89 18.46 -4.04
C ASP A 413 14.65 19.92 -4.46
N HIS A 414 15.30 20.38 -5.54
CA HIS A 414 15.21 21.77 -6.07
C HIS A 414 13.96 21.98 -6.90
N LEU A 415 13.22 20.94 -7.31
CA LEU A 415 12.05 21.13 -8.20
C LEU A 415 10.79 21.45 -7.40
N PRO A 416 9.94 22.38 -7.89
CA PRO A 416 8.75 22.81 -7.15
C PRO A 416 7.67 21.74 -7.01
N GLU A 417 7.59 20.76 -7.94
CA GLU A 417 6.52 19.71 -7.90
C GLU A 417 6.78 18.68 -6.78
N PHE A 418 7.98 18.66 -6.23
CA PHE A 418 8.42 17.90 -5.03
C PHE A 418 8.16 18.77 -3.79
N ARG A 419 6.99 18.62 -3.19
CA ARG A 419 6.53 19.50 -2.08
CA ARG A 419 6.53 19.50 -2.08
CA ARG A 419 6.51 19.49 -2.08
C ARG A 419 7.31 19.18 -0.81
N VAL A 420 7.64 17.90 -0.60
CA VAL A 420 8.38 17.45 0.59
C VAL A 420 9.88 17.56 0.32
N LYS A 421 10.55 18.48 1.00
CA LYS A 421 12.01 18.75 0.92
C LYS A 421 12.75 17.85 1.90
N GLN A 422 14.06 17.73 1.72
CA GLN A 422 14.86 16.59 2.24
C GLN A 422 14.77 16.43 3.76
N GLY A 423 14.88 17.51 4.53
CA GLY A 423 14.88 17.37 6.01
C GLY A 423 13.51 16.95 6.57
N LEU A 424 12.45 17.17 5.82
CA LEU A 424 11.09 16.92 6.36
C LEU A 424 10.81 15.40 6.41
N PHE A 425 11.49 14.58 5.62
CA PHE A 425 11.22 13.11 5.59
C PHE A 425 11.55 12.54 6.97
N LEU A 426 12.74 12.82 7.51
CA LEU A 426 13.08 12.31 8.86
C LEU A 426 12.12 12.88 9.90
N THR A 427 11.74 14.15 9.86
CA THR A 427 10.77 14.74 10.80
C THR A 427 9.46 13.93 10.75
N ALA A 428 8.99 13.62 9.55
CA ALA A 428 7.76 12.81 9.35
C ALA A 428 7.94 11.42 9.98
N GLY A 429 9.12 10.80 9.84
CA GLY A 429 9.36 9.48 10.43
C GLY A 429 9.32 9.53 11.94
N ILE A 430 9.95 10.56 12.53
CA ILE A 430 9.93 10.82 13.99
C ILE A 430 8.50 11.11 14.42
N ALA A 431 7.77 11.96 13.71
CA ALA A 431 6.34 12.21 14.01
C ALA A 431 5.54 10.90 14.01
N ALA A 432 5.75 10.01 13.05
CA ALA A 432 5.03 8.73 12.97
C ALA A 432 5.31 7.90 14.23
N ILE A 433 6.57 7.64 14.55
CA ILE A 433 6.89 6.70 15.66
C ILE A 433 6.51 7.37 16.98
N ASP A 434 6.64 8.70 17.07
CA ASP A 434 6.22 9.47 18.25
C ASP A 434 4.70 9.38 18.47
N SER A 435 3.90 9.18 17.44
CA SER A 435 2.43 9.07 17.60
C SER A 435 2.07 7.69 18.17
N GLY A 436 2.98 6.72 18.09
CA GLY A 436 2.76 5.35 18.56
C GLY A 436 2.58 5.29 20.07
N THR A 437 1.74 4.36 20.54
CA THR A 437 1.48 4.13 21.97
C THR A 437 1.96 2.73 22.37
N ASP A 438 1.82 2.42 23.66
CA ASP A 438 2.14 1.09 24.23
C ASP A 438 1.11 0.04 23.83
N LYS A 439 -0.09 0.44 23.37
CA LYS A 439 -1.10 -0.56 22.94
C LYS A 439 -1.77 -0.06 21.66
N PRO A 440 -1.08 -0.17 20.53
CA PRO A 440 -1.59 0.37 19.26
C PRO A 440 -2.81 -0.35 18.70
N MET A 441 -3.01 -1.61 19.10
CA MET A 441 -4.11 -2.41 18.53
C MET A 441 -4.88 -3.15 19.64
N ASP A 442 -6.07 -3.61 19.30
CA ASP A 442 -6.79 -4.64 20.08
C ASP A 442 -7.36 -5.62 19.09
N GLY A 443 -6.86 -6.85 19.08
CA GLY A 443 -7.08 -7.78 17.94
C GLY A 443 -6.81 -7.05 16.61
N THR A 444 -7.82 -6.91 15.74
CA THR A 444 -7.66 -6.25 14.40
C THR A 444 -7.94 -4.75 14.46
N LYS A 445 -8.30 -4.19 15.59
CA LYS A 445 -8.65 -2.76 15.64
C LYS A 445 -7.38 -1.91 15.88
N HIS A 446 -7.21 -0.85 15.09
CA HIS A 446 -6.11 0.12 15.22
C HIS A 446 -6.59 1.32 16.03
N PHE A 447 -5.76 1.85 16.91
CA PHE A 447 -5.99 3.07 17.70
C PHE A 447 -4.99 4.18 17.38
N ASP A 448 -3.77 3.88 16.92
CA ASP A 448 -2.73 4.94 16.88
C ASP A 448 -2.87 5.81 15.63
N PHE A 449 -3.59 5.34 14.62
CA PHE A 449 -3.78 6.09 13.36
C PHE A 449 -5.11 6.84 13.41
N ILE A 450 -5.12 8.01 12.82
CA ILE A 450 -6.40 8.75 12.63
C ILE A 450 -7.19 8.15 11.45
N ARG A 451 -8.53 8.22 11.50
CA ARG A 451 -9.37 7.83 10.37
C ARG A 451 -10.21 9.06 10.04
N GLY A 452 -10.07 9.56 8.82
CA GLY A 452 -10.82 10.75 8.37
C GLY A 452 -10.10 12.02 8.73
N SER A 453 -8.78 12.07 8.51
CA SER A 453 -7.93 13.25 8.80
C SER A 453 -8.54 14.53 8.20
N GLY A 454 -9.26 14.44 7.09
CA GLY A 454 -9.81 15.67 6.48
C GLY A 454 -11.05 16.22 7.21
N PHE A 455 -11.52 15.58 8.28
CA PHE A 455 -12.71 16.02 9.05
C PHE A 455 -12.26 16.43 10.45
N LYS A 456 -12.63 17.63 10.86
CA LYS A 456 -12.13 18.26 12.09
C LYS A 456 -12.45 17.35 13.28
N GLU A 457 -13.61 16.70 13.32
CA GLU A 457 -14.02 15.93 14.53
C GLU A 457 -13.15 14.67 14.68
N ALA A 458 -12.49 14.19 13.63
CA ALA A 458 -11.62 12.98 13.74
C ALA A 458 -10.48 13.26 14.74
N TRP A 459 -10.15 14.52 14.90
CA TRP A 459 -8.96 14.94 15.69
C TRP A 459 -9.29 15.02 17.19
N GLU A 460 -10.56 14.95 17.58
CA GLU A 460 -10.98 15.24 18.98
C GLU A 460 -10.22 14.31 19.96
N ARG A 461 -10.05 13.02 19.65
CA ARG A 461 -9.38 12.07 20.59
C ARG A 461 -7.86 12.19 20.55
N PHE A 462 -7.28 13.07 19.74
CA PHE A 462 -5.82 13.23 19.63
C PHE A 462 -5.39 14.34 20.58
N PRO A 463 -4.39 14.08 21.46
CA PRO A 463 -3.88 15.10 22.36
C PRO A 463 -3.34 16.35 21.63
N LEU A 464 -3.32 17.47 22.33
CA LEU A 464 -2.65 18.73 21.90
C LEU A 464 -1.14 18.54 22.04
N ARG A 465 -0.35 19.09 21.13
CA ARG A 465 1.13 19.11 21.22
C ARG A 465 1.50 19.98 22.44
N THR A 466 2.39 19.51 23.30
CA THR A 466 2.75 20.23 24.57
C THR A 466 3.63 21.44 24.23
#